data_6WO3
#
_entry.id   6WO3
#
_cell.length_a   46.924
_cell.length_b   60.038
_cell.length_c   135.373
_cell.angle_alpha   90.000
_cell.angle_beta   100.000
_cell.angle_gamma   90.000
#
_symmetry.space_group_name_H-M   'P 1 21 1'
#
loop_
_entity.id
_entity.type
_entity.pdbx_description
1 polymer 'Envelope glycoprotein E2'
2 polymer 'Fab U1 heavy chain'
3 polymer 'Fab U1 light chain'
4 branched 2-acetamido-2-deoxy-beta-D-glucopyranose-(1-4)-2-acetamido-2-deoxy-beta-D-glucopyranose
5 non-polymer 2-acetamido-2-deoxy-beta-D-glucopyranose
6 water water
#
loop_
_entity_poly.entity_id
_entity_poly.type
_entity_poly.pdbx_seq_one_letter_code
_entity_poly.pdbx_strand_id
1 'polypeptide(L)'
;QLINTNGSWHINRTALNCNDSLQTGFITSLFYAKNVDSSGCPERMAACGSSGCWHYAPRPCDVVSARTVCGPVYCFTPSP
VVVGTTDKLGIPTYNWGENETDVFMLESLRPPTGGWFGCTWMNSTGFTKTCGAPPGGPTDGGSGPWITPRCLVDYPYRLW
HYPCTVNFTLHKVRMFVGGIEHRFDAACN
;
E
2 'polypeptide(L)'
;EVQLLEQSGPEVKRPGTSVKMSCKISGGASITQAMSWVRQAPGQGLEWMGGITPIFGTVNYAQKILGRVTITADEDTVSL
ELSSLKSEDTAVYYCAREVNLKTWNLAHPNVFDVWGQGTMLTVSSASTKGPSVFPLAPSSKSTSGGTAALGCLVKDYFPE
PVTVSWNSGALTSGVHTFPAVLQSSGLYSLSSVVTVPSSSLGTQTYICNVNHKPSNTKVDKKVEPKSCGS
;
H
3 'polypeptide(L)'
;LTLTQSPSSLSASVGDRVTITCRASQSISSFLNWYQQKPGKAPKLLIYAASSLQSGVPPRFSGSGSGTDFTLTISSLQPE
DFATYYCQQSYSTPRTFGQGTKLEIKRTVAAPSVFIFPPSDEQLKSGTASVVCLLNNFYPREAKVQWKVDNALQSGNSQE
SVTEQDSKDSTYSLSSTLTLSKADYEKHKVYACEVTHQGLSSPVTKSFNRGEC
;
L
#
# COMPACT_ATOMS: atom_id res chain seq x y z
N ASN A 12 8.80 -16.40 25.61
CA ASN A 12 9.05 -15.00 25.93
C ASN A 12 10.52 -14.76 26.28
N ARG A 13 11.25 -15.85 26.52
CA ARG A 13 12.67 -15.77 26.85
C ARG A 13 13.55 -15.64 25.62
N THR A 14 13.00 -15.67 24.42
CA THR A 14 13.77 -15.71 23.20
C THR A 14 13.79 -14.33 22.54
N ALA A 15 14.99 -13.88 22.17
CA ALA A 15 15.14 -12.62 21.46
C ALA A 15 14.67 -12.79 20.02
N LEU A 16 13.83 -11.86 19.55
CA LEU A 16 13.22 -11.92 18.23
C LEU A 16 13.45 -10.63 17.46
N ASN A 17 14.69 -10.12 17.48
CA ASN A 17 15.05 -8.93 16.73
C ASN A 17 15.59 -9.37 15.38
N CYS A 18 14.71 -9.46 14.40
CA CYS A 18 15.02 -10.06 13.10
C CYS A 18 14.70 -9.08 11.98
N ASN A 19 15.70 -8.30 11.54
CA ASN A 19 15.56 -7.52 10.31
C ASN A 19 16.00 -8.37 9.14
N ASP A 20 15.09 -8.61 8.19
CA ASP A 20 15.40 -9.26 6.93
C ASP A 20 14.95 -8.35 5.79
N SER A 21 15.64 -7.22 5.64
CA SER A 21 15.35 -6.33 4.52
C SER A 21 15.85 -6.92 3.21
N LEU A 22 16.89 -7.76 3.27
CA LEU A 22 17.43 -8.41 2.08
C LEU A 22 16.55 -9.57 1.60
N GLN A 23 15.46 -9.87 2.30
CA GLN A 23 14.47 -10.86 1.86
C GLN A 23 15.11 -12.25 1.68
N THR A 24 16.02 -12.61 2.59
CA THR A 24 16.71 -13.88 2.47
C THR A 24 15.81 -15.05 2.87
N GLY A 25 15.00 -14.87 3.89
CA GLY A 25 14.07 -15.90 4.32
C GLY A 25 14.49 -16.72 5.52
N PHE A 26 15.48 -16.26 6.31
CA PHE A 26 15.88 -17.00 7.49
C PHE A 26 14.81 -16.99 8.58
N ILE A 27 13.87 -16.05 8.52
CA ILE A 27 12.84 -15.98 9.54
C ILE A 27 11.75 -17.01 9.28
N THR A 28 11.43 -17.27 8.02
CA THR A 28 10.39 -18.24 7.70
C THR A 28 10.80 -19.65 8.13
N SER A 29 12.08 -19.99 7.94
CA SER A 29 12.56 -21.30 8.37
C SER A 29 12.53 -21.46 9.88
N LEU A 30 12.46 -20.36 10.63
CA LEU A 30 12.32 -20.45 12.08
C LEU A 30 10.94 -20.98 12.46
N PHE A 31 9.90 -20.54 11.76
CA PHE A 31 8.54 -20.95 12.08
C PHE A 31 8.10 -22.19 11.32
N TYR A 32 8.57 -22.36 10.08
CA TYR A 32 8.15 -23.43 9.21
C TYR A 32 9.33 -24.36 8.92
N ALA A 33 9.13 -25.29 7.98
CA ALA A 33 10.17 -26.24 7.62
C ALA A 33 10.60 -26.05 6.18
N PRO A 58 38.02 -15.11 16.51
CA PRO A 58 36.67 -15.08 17.09
C PRO A 58 36.53 -14.02 18.18
N ARG A 59 35.60 -14.22 19.10
CA ARG A 59 35.37 -13.33 20.22
C ARG A 59 35.11 -14.16 21.46
N PRO A 60 35.41 -13.63 22.65
CA PRO A 60 35.17 -14.40 23.87
C PRO A 60 33.71 -14.32 24.31
N CYS A 61 33.18 -15.46 24.76
CA CYS A 61 31.80 -15.53 25.25
C CYS A 61 31.69 -14.75 26.55
N ASP A 62 31.14 -13.54 26.48
CA ASP A 62 30.96 -12.70 27.65
C ASP A 62 29.48 -12.34 27.76
N VAL A 63 29.07 -11.18 27.29
CA VAL A 63 27.68 -10.74 27.32
C VAL A 63 27.34 -10.17 25.96
N VAL A 64 26.20 -10.57 25.41
CA VAL A 64 25.72 -10.06 24.13
C VAL A 64 24.37 -9.38 24.35
N SER A 65 24.14 -8.30 23.62
CA SER A 65 22.91 -7.54 23.77
C SER A 65 21.78 -8.22 22.99
N ALA A 66 20.63 -8.38 23.65
CA ALA A 66 19.52 -9.11 23.04
C ALA A 66 19.00 -8.40 21.80
N ARG A 67 19.03 -7.07 21.77
CA ARG A 67 18.53 -6.30 20.64
C ARG A 67 19.22 -6.66 19.32
N THR A 68 20.35 -7.35 19.37
CA THR A 68 21.09 -7.75 18.19
C THR A 68 20.98 -9.26 17.90
N VAL A 69 20.00 -9.93 18.51
CA VAL A 69 19.87 -11.38 18.42
C VAL A 69 18.53 -11.72 17.81
N CYS A 70 18.51 -12.73 16.95
CA CYS A 70 17.28 -13.27 16.36
C CYS A 70 17.27 -14.78 16.53
N GLY A 71 16.38 -15.28 17.38
CA GLY A 71 16.22 -16.70 17.57
C GLY A 71 16.93 -17.23 18.80
N PRO A 72 17.00 -18.55 18.93
CA PRO A 72 17.60 -19.14 20.13
C PRO A 72 19.10 -18.85 20.22
N VAL A 73 19.59 -18.82 21.46
CA VAL A 73 21.01 -18.66 21.75
C VAL A 73 21.48 -19.94 22.41
N TYR A 74 22.28 -20.72 21.70
CA TYR A 74 22.80 -21.99 22.20
C TYR A 74 24.24 -21.81 22.66
N CYS A 75 24.48 -22.09 23.94
CA CYS A 75 25.83 -22.19 24.47
C CYS A 75 26.23 -23.65 24.55
N PHE A 76 27.46 -23.94 24.16
CA PHE A 76 27.94 -25.31 24.05
C PHE A 76 29.00 -25.56 25.12
N THR A 77 28.55 -26.07 26.24
CA THR A 77 29.40 -26.88 27.09
C THR A 77 29.71 -28.13 26.29
N PRO A 78 30.39 -29.14 26.84
CA PRO A 78 30.48 -30.42 26.11
C PRO A 78 29.14 -30.90 25.55
N SER A 79 28.04 -30.37 26.06
CA SER A 79 26.69 -30.61 25.55
C SER A 79 26.01 -29.27 25.29
N PRO A 80 24.99 -29.25 24.43
CA PRO A 80 24.35 -27.97 24.08
C PRO A 80 23.33 -27.52 25.13
N VAL A 81 23.39 -26.22 25.45
CA VAL A 81 22.51 -25.60 26.43
C VAL A 81 21.87 -24.36 25.81
N VAL A 82 20.60 -24.12 26.15
CA VAL A 82 19.86 -22.96 25.66
C VAL A 82 19.94 -21.85 26.69
N VAL A 83 20.21 -20.64 26.23
CA VAL A 83 20.32 -19.46 27.08
C VAL A 83 19.17 -18.51 26.75
N GLY A 84 18.45 -18.08 27.79
CA GLY A 84 17.34 -17.16 27.63
C GLY A 84 17.70 -15.76 28.10
N THR A 85 16.84 -14.82 27.74
CA THR A 85 17.10 -13.41 28.04
C THR A 85 17.03 -13.16 29.55
N THR A 86 17.97 -12.36 30.04
CA THR A 86 18.01 -11.95 31.45
C THR A 86 18.41 -10.48 31.51
N ASP A 87 18.41 -9.93 32.71
CA ASP A 87 18.93 -8.58 32.94
C ASP A 87 20.40 -8.70 33.32
N LYS A 88 20.96 -7.65 33.95
CA LYS A 88 22.38 -7.69 34.30
C LYS A 88 22.66 -8.51 35.55
N LEU A 89 21.65 -8.82 36.36
CA LEU A 89 21.84 -9.63 37.55
C LEU A 89 21.63 -11.12 37.31
N GLY A 90 21.10 -11.50 36.15
CA GLY A 90 20.73 -12.88 35.89
C GLY A 90 19.27 -13.19 36.06
N ILE A 91 18.45 -12.20 36.39
CA ILE A 91 17.00 -12.40 36.51
C ILE A 91 16.40 -12.52 35.12
N PRO A 92 15.63 -13.58 34.84
CA PRO A 92 15.07 -13.73 33.50
C PRO A 92 14.07 -12.64 33.17
N THR A 93 14.16 -12.12 31.96
CA THR A 93 13.22 -11.15 31.42
C THR A 93 12.36 -11.82 30.37
N TYR A 94 11.17 -11.26 30.15
CA TYR A 94 10.18 -11.86 29.27
C TYR A 94 9.68 -10.86 28.22
N ASN A 95 10.55 -9.94 27.79
CA ASN A 95 10.18 -8.91 26.84
C ASN A 95 10.61 -9.24 25.42
N TRP A 96 10.90 -10.52 25.14
CA TRP A 96 11.32 -10.99 23.83
C TRP A 96 12.59 -10.28 23.34
N GLY A 97 13.41 -9.79 24.26
CA GLY A 97 14.62 -9.09 23.88
C GLY A 97 14.42 -7.70 23.32
N GLU A 98 13.27 -7.07 23.56
CA GLU A 98 13.01 -5.74 23.02
C GLU A 98 13.75 -4.66 23.81
N ASN A 99 13.75 -4.75 25.14
CA ASN A 99 14.34 -3.71 25.96
C ASN A 99 15.86 -3.69 25.80
N GLU A 100 16.44 -2.54 26.13
CA GLU A 100 17.90 -2.39 26.06
C GLU A 100 18.60 -3.17 27.16
N THR A 101 17.94 -3.35 28.30
CA THR A 101 18.55 -4.04 29.43
C THR A 101 18.62 -5.55 29.25
N ASP A 102 17.89 -6.11 28.29
CA ASP A 102 17.92 -7.55 28.07
C ASP A 102 19.26 -7.96 27.48
N VAL A 103 19.91 -8.93 28.13
CA VAL A 103 21.23 -9.42 27.73
C VAL A 103 21.24 -10.94 27.84
N PHE A 104 22.33 -11.53 27.34
CA PHE A 104 22.59 -12.96 27.49
C PHE A 104 23.87 -13.15 28.29
N MET A 105 23.77 -13.84 29.42
CA MET A 105 24.92 -14.10 30.29
C MET A 105 25.62 -15.36 29.80
N LEU A 106 26.52 -15.18 28.83
CA LEU A 106 27.25 -16.31 28.28
C LEU A 106 28.34 -16.78 29.23
N GLU A 107 28.96 -15.86 29.96
CA GLU A 107 30.04 -16.22 30.88
C GLU A 107 29.54 -17.09 32.03
N SER A 108 28.30 -16.88 32.48
CA SER A 108 27.74 -17.68 33.56
C SER A 108 27.59 -19.15 33.15
N LEU A 109 27.49 -19.43 31.85
CA LEU A 109 27.38 -20.79 31.36
C LEU A 109 28.73 -21.47 31.18
N ARG A 110 29.82 -20.73 31.34
CA ARG A 110 31.15 -21.31 31.17
C ARG A 110 31.36 -22.42 32.20
N PRO A 111 31.89 -23.58 31.81
CA PRO A 111 32.13 -24.65 32.77
C PRO A 111 33.07 -24.20 33.86
N PRO A 112 32.72 -24.43 35.13
CA PRO A 112 33.64 -24.06 36.22
C PRO A 112 34.96 -24.79 36.16
N THR A 113 35.00 -25.96 35.52
CA THR A 113 36.23 -26.74 35.44
C THR A 113 37.19 -26.23 34.38
N GLY A 114 36.71 -25.44 33.41
CA GLY A 114 37.56 -24.79 32.45
C GLY A 114 37.70 -25.46 31.11
N GLY A 115 36.84 -26.41 30.78
CA GLY A 115 36.92 -27.10 29.50
C GLY A 115 36.58 -26.17 28.34
N TRP A 116 36.63 -26.75 27.14
CA TRP A 116 36.27 -26.02 25.94
C TRP A 116 34.82 -25.55 26.02
N PHE A 117 34.58 -24.36 25.46
CA PHE A 117 33.28 -23.71 25.61
C PHE A 117 33.06 -22.74 24.46
N GLY A 118 31.81 -22.62 24.03
CA GLY A 118 31.46 -21.72 22.95
C GLY A 118 29.95 -21.62 22.81
N CYS A 119 29.51 -20.49 22.26
CA CYS A 119 28.10 -20.22 22.05
C CYS A 119 27.89 -19.68 20.64
N THR A 120 26.73 -19.97 20.07
CA THR A 120 26.37 -19.48 18.74
C THR A 120 24.94 -18.95 18.76
N TRP A 121 24.64 -18.09 17.79
CA TRP A 121 23.31 -17.50 17.64
C TRP A 121 23.24 -16.83 16.28
N MET A 122 22.05 -16.36 15.94
CA MET A 122 21.79 -15.59 14.74
C MET A 122 21.53 -14.14 15.13
N ASN A 123 22.13 -13.19 14.42
CA ASN A 123 21.94 -11.79 14.76
C ASN A 123 20.82 -11.21 13.90
N SER A 124 20.63 -9.88 13.98
CA SER A 124 19.45 -9.24 13.42
C SER A 124 19.30 -9.51 11.93
N THR A 125 20.36 -9.28 11.16
CA THR A 125 20.28 -9.36 9.70
C THR A 125 20.50 -10.76 9.16
N GLY A 126 20.42 -11.79 10.01
CA GLY A 126 20.41 -13.16 9.54
C GLY A 126 21.76 -13.82 9.39
N PHE A 127 22.78 -13.36 10.12
CA PHE A 127 24.11 -13.93 10.07
C PHE A 127 24.38 -14.75 11.32
N THR A 128 25.10 -15.86 11.17
CA THR A 128 25.42 -16.72 12.30
C THR A 128 26.65 -16.17 13.02
N LYS A 129 26.51 -15.92 14.32
CA LYS A 129 27.59 -15.43 15.16
C LYS A 129 28.07 -16.53 16.09
N THR A 130 29.35 -16.49 16.44
CA THR A 130 29.93 -17.43 17.39
C THR A 130 30.79 -16.67 18.38
N CYS A 131 31.05 -17.32 19.52
CA CYS A 131 32.01 -16.83 20.50
C CYS A 131 32.79 -18.01 21.03
N GLY A 132 34.04 -17.77 21.40
CA GLY A 132 34.88 -18.82 21.92
C GLY A 132 36.29 -18.34 22.13
N ALA A 133 37.07 -19.19 22.80
CA ALA A 133 38.46 -18.92 23.09
C ALA A 133 39.32 -19.12 21.85
N PRO A 134 40.53 -18.54 21.82
CA PRO A 134 41.47 -18.75 20.71
C PRO A 134 41.71 -20.22 20.36
N GLY A 141 39.76 -27.13 19.93
CA GLY A 141 38.37 -26.76 19.76
C GLY A 141 38.19 -25.48 18.97
N GLY A 142 37.10 -25.41 18.19
CA GLY A 142 36.81 -24.27 17.35
C GLY A 142 36.22 -23.11 18.14
N SER A 143 35.42 -22.29 17.44
CA SER A 143 34.86 -21.08 18.03
C SER A 143 33.58 -21.37 18.79
N GLY A 144 32.50 -21.64 18.07
CA GLY A 144 31.19 -21.81 18.68
C GLY A 144 30.89 -23.23 19.07
N PRO A 145 30.32 -24.00 18.14
CA PRO A 145 30.01 -25.41 18.40
C PRO A 145 31.02 -26.40 17.83
N TRP A 146 32.16 -25.94 17.33
CA TRP A 146 33.15 -26.81 16.70
C TRP A 146 34.06 -27.38 17.77
N ILE A 147 33.71 -28.57 18.26
CA ILE A 147 34.61 -29.30 19.14
C ILE A 147 35.89 -29.67 18.38
N THR A 148 35.73 -30.07 17.11
CA THR A 148 36.80 -30.40 16.19
C THR A 148 36.70 -29.52 14.95
N PRO A 149 37.82 -29.15 14.32
CA PRO A 149 37.75 -28.45 13.03
C PRO A 149 36.99 -29.22 11.97
N ARG A 150 36.59 -30.46 12.30
CA ARG A 150 35.78 -31.27 11.40
C ARG A 150 34.42 -31.63 11.97
N CYS A 151 34.21 -31.51 13.28
CA CYS A 151 32.97 -31.93 13.92
C CYS A 151 32.23 -30.74 14.54
N LEU A 152 30.95 -30.95 14.81
CA LEU A 152 30.07 -29.89 15.28
C LEU A 152 29.03 -30.50 16.21
N VAL A 153 28.76 -29.84 17.33
CA VAL A 153 27.80 -30.35 18.31
C VAL A 153 26.39 -30.19 17.75
N ASP A 154 25.64 -31.29 17.75
CA ASP A 154 24.28 -31.28 17.22
C ASP A 154 23.31 -30.67 18.21
N TYR A 155 22.33 -29.92 17.69
CA TYR A 155 21.36 -29.23 18.51
C TYR A 155 20.17 -28.84 17.62
N PRO A 156 19.00 -28.59 18.20
CA PRO A 156 17.78 -28.44 17.38
C PRO A 156 17.87 -27.43 16.24
N TYR A 157 18.59 -26.33 16.43
CA TYR A 157 18.69 -25.28 15.41
C TYR A 157 20.02 -25.30 14.68
N ARG A 158 20.68 -26.46 14.61
CA ARG A 158 21.96 -26.55 13.92
C ARG A 158 21.81 -26.26 12.43
N LEU A 159 20.80 -26.86 11.80
CA LEU A 159 20.58 -26.63 10.38
C LEU A 159 20.07 -25.21 10.10
N TRP A 160 19.53 -24.53 11.11
CA TRP A 160 19.13 -23.14 10.94
C TRP A 160 20.34 -22.22 11.01
N HIS A 161 21.25 -22.46 11.96
CA HIS A 161 22.45 -21.65 12.09
C HIS A 161 23.56 -22.09 11.13
N TYR A 162 23.64 -23.38 10.82
CA TYR A 162 24.70 -23.92 9.98
C TYR A 162 24.08 -24.80 8.91
N PRO A 163 23.62 -24.20 7.80
CA PRO A 163 23.02 -25.00 6.72
C PRO A 163 24.03 -25.84 5.96
N CYS A 164 25.32 -25.52 6.01
CA CYS A 164 26.32 -26.26 5.26
C CYS A 164 26.71 -27.58 5.92
N THR A 165 26.10 -27.93 7.05
CA THR A 165 26.42 -29.17 7.76
C THR A 165 25.26 -30.16 7.73
N VAL A 166 24.39 -30.07 6.71
CA VAL A 166 23.28 -31.00 6.59
C VAL A 166 23.79 -32.40 6.27
N ASN A 167 24.73 -32.50 5.32
CA ASN A 167 25.27 -33.79 4.89
C ASN A 167 26.30 -34.36 5.87
N PHE A 168 26.46 -33.77 7.05
CA PHE A 168 27.41 -34.27 8.03
C PHE A 168 26.85 -35.49 8.74
N THR A 169 27.76 -36.37 9.16
CA THR A 169 27.40 -37.63 9.80
C THR A 169 27.45 -37.47 11.31
N LEU A 170 26.43 -37.96 12.00
CA LEU A 170 26.32 -37.85 13.44
C LEU A 170 27.03 -39.01 14.12
N HIS A 171 27.72 -38.71 15.22
CA HIS A 171 28.39 -39.71 16.05
C HIS A 171 27.95 -39.52 17.49
N LYS A 172 27.37 -40.56 18.08
CA LYS A 172 26.98 -40.51 19.47
C LYS A 172 28.22 -40.47 20.36
N VAL A 173 28.30 -39.47 21.23
CA VAL A 173 29.48 -39.23 22.05
C VAL A 173 29.07 -39.25 23.51
N ARG A 174 29.86 -39.96 24.33
CA ARG A 174 29.66 -40.01 25.77
C ARG A 174 31.02 -39.84 26.42
N MET A 175 31.19 -38.76 27.18
CA MET A 175 32.48 -38.49 27.83
C MET A 175 32.25 -37.71 29.11
N PHE A 176 33.27 -37.71 29.96
CA PHE A 176 33.25 -36.99 31.22
C PHE A 176 34.18 -35.79 31.12
N VAL A 177 33.64 -34.60 31.40
CA VAL A 177 34.40 -33.36 31.38
C VAL A 177 34.18 -32.66 32.71
N GLY A 178 35.23 -32.58 33.53
CA GLY A 178 35.12 -31.93 34.82
C GLY A 178 34.17 -32.63 35.78
N GLY A 179 34.16 -33.96 35.77
CA GLY A 179 33.34 -34.71 36.69
C GLY A 179 31.87 -34.80 36.35
N ILE A 180 31.48 -34.38 35.14
CA ILE A 180 30.09 -34.41 34.71
C ILE A 180 30.00 -35.22 33.44
N GLU A 181 29.06 -36.16 33.40
CA GLU A 181 28.83 -36.95 32.19
C GLU A 181 28.07 -36.10 31.17
N HIS A 182 28.51 -36.19 29.92
CA HIS A 182 27.90 -35.47 28.81
C HIS A 182 27.54 -36.46 27.72
N ARG A 183 26.25 -36.51 27.36
CA ARG A 183 25.80 -37.27 26.21
C ARG A 183 25.33 -36.32 25.13
N PHE A 184 25.89 -36.45 23.93
CA PHE A 184 25.58 -35.56 22.83
C PHE A 184 26.03 -36.22 21.53
N ASP A 185 25.56 -35.66 20.42
CA ASP A 185 25.91 -36.14 19.09
C ASP A 185 26.75 -35.10 18.38
N ALA A 186 27.67 -35.58 17.54
CA ALA A 186 28.63 -34.73 16.84
C ALA A 186 28.51 -34.96 15.34
N ALA A 187 28.26 -33.89 14.60
CA ALA A 187 28.15 -33.95 13.14
C ALA A 187 29.51 -33.66 12.53
N CYS A 188 30.10 -34.65 11.89
CA CYS A 188 31.42 -34.54 11.28
C CYS A 188 31.32 -34.82 9.78
N ASN A 189 32.42 -34.58 9.07
CA ASN A 189 32.50 -34.86 7.63
C ASN A 189 32.23 -36.33 7.34
N GLN B 3 7.84 -7.51 0.77
CA GLN B 3 8.11 -6.30 0.00
C GLN B 3 6.84 -5.76 -0.66
N LEU B 4 6.06 -6.65 -1.28
CA LEU B 4 4.88 -6.28 -2.04
C LEU B 4 3.71 -7.15 -1.61
N LEU B 5 2.51 -6.56 -1.64
CA LEU B 5 1.31 -7.21 -1.13
C LEU B 5 0.25 -7.31 -2.22
N GLU B 6 -0.27 -8.52 -2.41
CA GLU B 6 -1.36 -8.80 -3.34
C GLU B 6 -2.66 -8.97 -2.55
N GLN B 7 -3.75 -8.42 -3.09
CA GLN B 7 -5.06 -8.54 -2.45
C GLN B 7 -6.07 -9.10 -3.44
N SER B 8 -7.06 -9.80 -2.91
CA SER B 8 -8.12 -10.37 -3.73
C SER B 8 -8.95 -9.26 -4.38
N GLY B 9 -9.68 -9.64 -5.43
CA GLY B 9 -10.38 -8.69 -6.26
C GLY B 9 -11.58 -8.04 -5.61
N PRO B 10 -12.15 -7.03 -6.27
CA PRO B 10 -13.31 -6.34 -5.72
C PRO B 10 -14.56 -7.22 -5.72
N GLU B 11 -15.39 -7.03 -4.71
CA GLU B 11 -16.57 -7.86 -4.49
C GLU B 11 -17.83 -7.00 -4.42
N VAL B 12 -18.93 -7.54 -4.92
CA VAL B 12 -20.24 -6.93 -4.78
C VAL B 12 -21.15 -7.95 -4.09
N LYS B 13 -21.73 -7.55 -2.96
CA LYS B 13 -22.44 -8.46 -2.08
C LYS B 13 -23.79 -7.87 -1.70
N ARG B 14 -24.81 -8.73 -1.66
CA ARG B 14 -26.12 -8.31 -1.20
C ARG B 14 -26.11 -8.11 0.31
N PRO B 15 -26.97 -7.24 0.83
CA PRO B 15 -27.02 -7.05 2.29
C PRO B 15 -27.37 -8.35 2.99
N GLY B 16 -26.70 -8.60 4.12
CA GLY B 16 -26.93 -9.77 4.93
C GLY B 16 -25.96 -10.92 4.71
N THR B 17 -25.31 -10.96 3.56
CA THR B 17 -24.38 -12.05 3.25
C THR B 17 -23.03 -11.80 3.93
N SER B 18 -22.08 -12.71 3.70
CA SER B 18 -20.74 -12.57 4.21
C SER B 18 -19.75 -12.52 3.05
N VAL B 19 -18.60 -11.90 3.30
CA VAL B 19 -17.51 -11.81 2.33
C VAL B 19 -16.21 -12.15 3.02
N LYS B 20 -15.27 -12.71 2.27
CA LYS B 20 -13.94 -13.02 2.77
C LYS B 20 -12.92 -12.42 1.81
N MET B 21 -12.13 -11.46 2.32
CA MET B 21 -11.08 -10.82 1.54
C MET B 21 -9.73 -11.35 2.00
N SER B 22 -8.81 -11.55 1.06
CA SER B 22 -7.54 -12.19 1.34
C SER B 22 -6.38 -11.34 0.85
N CYS B 23 -5.20 -11.62 1.38
CA CYS B 23 -4.03 -10.79 1.14
C CYS B 23 -2.78 -11.67 1.19
N LYS B 24 -1.99 -11.63 0.12
CA LYS B 24 -0.84 -12.50 -0.07
C LYS B 24 0.43 -11.68 -0.21
N ILE B 25 1.57 -12.34 0.02
CA ILE B 25 2.88 -11.69 -0.09
C ILE B 25 3.37 -11.61 -1.53
N SER B 26 2.70 -12.29 -2.47
CA SER B 26 2.98 -12.14 -3.89
C SER B 26 4.41 -12.53 -4.24
N GLY B 27 4.92 -13.56 -3.58
CA GLY B 27 6.26 -14.04 -3.83
C GLY B 27 6.46 -15.41 -3.23
N GLY B 28 7.71 -15.83 -3.18
CA GLY B 28 8.04 -17.10 -2.55
C GLY B 28 8.05 -17.07 -1.04
N ALA B 29 7.62 -15.96 -0.43
CA ALA B 29 7.75 -15.76 1.00
C ALA B 29 6.51 -16.27 1.74
N SER B 30 6.70 -16.51 3.04
CA SER B 30 5.63 -16.91 3.94
C SER B 30 5.36 -15.80 4.95
N ILE B 31 4.21 -15.90 5.61
CA ILE B 31 3.75 -14.83 6.48
C ILE B 31 4.46 -14.93 7.83
N THR B 32 5.12 -13.84 8.22
CA THR B 32 5.94 -13.80 9.42
C THR B 32 5.56 -12.63 10.31
N GLN B 33 5.42 -11.44 9.72
CA GLN B 33 5.16 -10.23 10.47
C GLN B 33 3.67 -10.08 10.77
N ALA B 34 3.36 -9.21 11.73
CA ALA B 34 1.98 -8.90 12.04
C ALA B 34 1.33 -8.19 10.86
N MET B 35 0.06 -8.52 10.62
CA MET B 35 -0.71 -7.92 9.55
C MET B 35 -1.96 -7.27 10.13
N SER B 36 -2.41 -6.19 9.51
CA SER B 36 -3.60 -5.48 9.94
C SER B 36 -4.45 -5.12 8.74
N TRP B 37 -5.74 -4.92 9.01
CA TRP B 37 -6.70 -4.52 7.98
C TRP B 37 -7.20 -3.12 8.30
N VAL B 38 -7.08 -2.23 7.33
CA VAL B 38 -7.56 -0.85 7.43
C VAL B 38 -8.58 -0.63 6.33
N ARG B 39 -9.75 -0.11 6.70
CA ARG B 39 -10.81 0.13 5.73
C ARG B 39 -11.01 1.62 5.53
N GLN B 40 -11.39 1.99 4.31
CA GLN B 40 -11.59 3.38 3.94
C GLN B 40 -12.89 3.47 3.15
N ALA B 41 -13.93 3.99 3.80
CA ALA B 41 -15.17 4.26 3.09
C ALA B 41 -14.90 5.28 1.99
N PRO B 42 -15.67 5.25 0.89
CA PRO B 42 -15.44 6.20 -0.20
C PRO B 42 -15.55 7.64 0.28
N GLY B 43 -14.52 8.43 -0.03
CA GLY B 43 -14.48 9.81 0.41
C GLY B 43 -14.32 10.00 1.91
N GLN B 44 -13.81 9.00 2.62
CA GLN B 44 -13.68 9.04 4.07
C GLN B 44 -12.24 8.75 4.46
N GLY B 45 -12.00 8.67 5.78
CA GLY B 45 -10.67 8.48 6.30
C GLY B 45 -10.32 7.02 6.55
N LEU B 46 -9.09 6.82 7.01
CA LEU B 46 -8.59 5.48 7.32
C LEU B 46 -9.07 5.05 8.70
N GLU B 47 -9.44 3.78 8.82
CA GLU B 47 -10.05 3.26 10.04
C GLU B 47 -9.55 1.84 10.29
N TRP B 48 -8.90 1.64 11.43
CA TRP B 48 -8.35 0.32 11.76
C TRP B 48 -9.47 -0.61 12.20
N MET B 49 -9.47 -1.82 11.64
CA MET B 49 -10.49 -2.82 11.94
C MET B 49 -9.96 -3.96 12.80
N GLY B 50 -8.78 -4.47 12.49
CA GLY B 50 -8.22 -5.57 13.26
C GLY B 50 -6.84 -5.91 12.76
N GLY B 51 -6.12 -6.65 13.60
CA GLY B 51 -4.77 -7.08 13.26
C GLY B 51 -4.50 -8.45 13.84
N ILE B 52 -3.61 -9.18 13.19
CA ILE B 52 -3.23 -10.53 13.61
C ILE B 52 -1.72 -10.59 13.76
N THR B 53 -1.25 -11.27 14.80
CA THR B 53 0.17 -11.45 15.03
C THR B 53 0.51 -12.92 14.90
N PRO B 54 1.22 -13.33 13.84
CA PRO B 54 1.37 -14.76 13.56
C PRO B 54 2.12 -15.55 14.62
N ILE B 55 3.14 -14.96 15.25
CA ILE B 55 3.90 -15.69 16.25
C ILE B 55 3.04 -15.98 17.49
N PHE B 56 2.34 -14.96 17.99
CA PHE B 56 1.44 -15.16 19.11
C PHE B 56 0.17 -15.90 18.70
N GLY B 57 -0.23 -15.76 17.43
CA GLY B 57 -1.54 -16.21 17.00
C GLY B 57 -2.69 -15.32 17.43
N THR B 58 -2.43 -14.32 18.27
CA THR B 58 -3.48 -13.46 18.78
C THR B 58 -4.07 -12.59 17.68
N VAL B 59 -5.27 -12.10 17.93
CA VAL B 59 -5.98 -11.24 16.98
C VAL B 59 -6.71 -10.16 17.76
N ASN B 60 -6.63 -8.93 17.26
CA ASN B 60 -7.36 -7.80 17.81
C ASN B 60 -8.40 -7.33 16.82
N TYR B 61 -9.44 -6.67 17.34
CA TYR B 61 -10.50 -6.14 16.50
C TYR B 61 -10.88 -4.75 16.99
N ALA B 62 -11.63 -4.04 16.15
CA ALA B 62 -12.25 -2.79 16.56
C ALA B 62 -13.53 -3.07 17.33
N GLN B 63 -13.85 -2.18 18.27
CA GLN B 63 -15.01 -2.40 19.13
C GLN B 63 -16.32 -2.35 18.35
N LYS B 64 -16.37 -1.57 17.26
CA LYS B 64 -17.61 -1.40 16.53
C LYS B 64 -18.01 -2.62 15.71
N ILE B 65 -17.06 -3.51 15.40
CA ILE B 65 -17.31 -4.63 14.52
C ILE B 65 -16.96 -5.97 15.16
N LEU B 66 -16.75 -5.98 16.49
CA LEU B 66 -16.23 -7.17 17.16
C LEU B 66 -17.13 -8.39 16.93
N GLY B 67 -18.42 -8.17 16.64
CA GLY B 67 -19.34 -9.29 16.54
C GLY B 67 -19.36 -10.00 15.20
N ARG B 68 -18.87 -9.35 14.13
CA ARG B 68 -19.07 -9.87 12.80
C ARG B 68 -17.81 -9.79 11.92
N VAL B 69 -16.63 -9.68 12.53
CA VAL B 69 -15.38 -9.70 11.78
C VAL B 69 -14.45 -10.72 12.42
N THR B 70 -13.79 -11.51 11.57
CA THR B 70 -12.78 -12.47 11.99
C THR B 70 -11.61 -12.38 11.04
N ILE B 71 -10.40 -12.44 11.60
CA ILE B 71 -9.17 -12.33 10.83
C ILE B 71 -8.37 -13.60 11.03
N THR B 72 -8.11 -14.31 9.95
CA THR B 72 -7.38 -15.57 9.98
C THR B 72 -6.15 -15.49 9.10
N ALA B 73 -5.20 -16.38 9.36
CA ALA B 73 -3.94 -16.41 8.62
C ALA B 73 -3.44 -17.84 8.53
N ASP B 74 -2.74 -18.14 7.44
CA ASP B 74 -2.00 -19.39 7.33
C ASP B 74 -0.55 -19.08 6.97
N GLU B 75 0.08 -19.94 6.17
CA GLU B 75 1.50 -19.77 5.88
C GLU B 75 1.76 -18.56 4.99
N ASP B 76 0.89 -18.33 3.99
CA ASP B 76 1.14 -17.29 3.00
C ASP B 76 -0.05 -16.36 2.76
N THR B 77 -1.13 -16.49 3.54
CA THR B 77 -2.34 -15.71 3.26
C THR B 77 -2.98 -15.25 4.56
N VAL B 78 -3.27 -13.95 4.64
CA VAL B 78 -4.09 -13.37 5.70
C VAL B 78 -5.44 -13.02 5.09
N SER B 79 -6.51 -13.34 5.83
CA SER B 79 -7.86 -13.14 5.33
C SER B 79 -8.68 -12.35 6.33
N LEU B 80 -9.71 -11.68 5.83
CA LEU B 80 -10.64 -10.92 6.66
C LEU B 80 -12.06 -11.26 6.22
N GLU B 81 -12.88 -11.71 7.16
CA GLU B 81 -14.25 -12.10 6.89
C GLU B 81 -15.21 -11.15 7.60
N LEU B 82 -16.18 -10.63 6.84
CA LEU B 82 -17.23 -9.78 7.38
C LEU B 82 -18.58 -10.43 7.11
N SER B 83 -19.36 -10.60 8.17
CA SER B 83 -20.70 -11.20 8.07
C SER B 83 -21.77 -10.16 8.37
N SER B 84 -23.00 -10.50 7.99
CA SER B 84 -24.15 -9.59 8.11
C SER B 84 -23.81 -8.23 7.52
N LEU B 85 -23.37 -8.24 6.26
CA LEU B 85 -22.92 -7.04 5.58
C LEU B 85 -24.06 -6.04 5.42
N LYS B 86 -23.73 -4.75 5.54
CA LYS B 86 -24.69 -3.67 5.35
C LYS B 86 -24.07 -2.59 4.48
N SER B 87 -24.92 -1.66 4.02
CA SER B 87 -24.48 -0.65 3.05
C SER B 87 -23.29 0.15 3.54
N GLU B 88 -23.16 0.35 4.85
CA GLU B 88 -22.05 1.12 5.39
C GLU B 88 -20.72 0.38 5.29
N ASP B 89 -20.74 -0.92 5.01
CA ASP B 89 -19.51 -1.67 4.79
C ASP B 89 -18.90 -1.40 3.41
N THR B 90 -19.59 -0.67 2.55
CA THR B 90 -19.03 -0.27 1.26
C THR B 90 -17.79 0.58 1.48
N ALA B 91 -16.63 0.04 1.09
CA ALA B 91 -15.34 0.68 1.37
C ALA B 91 -14.26 -0.05 0.60
N VAL B 92 -13.05 0.50 0.66
CA VAL B 92 -11.86 -0.19 0.18
C VAL B 92 -11.12 -0.72 1.41
N TYR B 93 -10.66 -1.96 1.32
CA TYR B 93 -10.09 -2.67 2.47
C TYR B 93 -8.63 -2.98 2.18
N TYR B 94 -7.74 -2.43 3.01
CA TYR B 94 -6.31 -2.58 2.87
C TYR B 94 -5.77 -3.56 3.91
N CYS B 95 -4.84 -4.42 3.48
CA CYS B 95 -3.97 -5.13 4.40
C CYS B 95 -2.65 -4.39 4.48
N ALA B 96 -2.08 -4.31 5.68
CA ALA B 96 -0.83 -3.60 5.89
C ALA B 96 0.04 -4.41 6.83
N ARG B 97 1.31 -4.59 6.45
CA ARG B 97 2.25 -5.29 7.30
C ARG B 97 2.69 -4.36 8.41
N GLU B 98 2.51 -4.79 9.66
CA GLU B 98 2.91 -4.00 10.81
C GLU B 98 4.25 -4.51 11.33
N VAL B 99 5.19 -3.58 11.48
CA VAL B 99 6.60 -3.90 11.72
C VAL B 99 7.11 -2.92 12.78
N ASN B 100 8.23 -3.28 13.41
CA ASN B 100 8.99 -2.36 14.26
C ASN B 100 10.24 -1.97 13.47
N LEU B 101 10.30 -0.71 13.03
CA LEU B 101 11.45 -0.30 12.24
C LEU B 101 12.66 0.06 13.09
N LYS B 102 12.48 0.25 14.40
CA LYS B 102 13.61 0.56 15.28
C LYS B 102 14.42 -0.69 15.59
N THR B 103 13.76 -1.78 15.99
CA THR B 103 14.43 -2.99 16.43
C THR B 103 14.09 -4.22 15.60
N TRP B 104 13.05 -4.17 14.77
CA TRP B 104 12.58 -5.32 13.99
C TRP B 104 12.23 -6.49 14.90
N ASN B 105 11.67 -6.18 16.06
CA ASN B 105 11.22 -7.20 17.00
C ASN B 105 9.83 -7.68 16.60
N LEU B 106 9.68 -9.00 16.49
CA LEU B 106 8.40 -9.57 16.07
C LEU B 106 7.32 -9.39 17.12
N ALA B 107 7.69 -9.13 18.37
CA ALA B 107 6.71 -9.06 19.45
C ALA B 107 6.10 -7.68 19.63
N HIS B 108 6.70 -6.63 19.06
CA HIS B 108 6.21 -5.27 19.23
C HIS B 108 6.18 -4.54 17.89
N PRO B 109 5.21 -4.89 17.02
CA PRO B 109 5.03 -4.12 15.78
C PRO B 109 4.28 -2.83 16.05
N ASN B 110 4.77 -1.73 15.44
CA ASN B 110 4.20 -0.43 15.75
C ASN B 110 4.14 0.52 14.56
N VAL B 111 4.28 0.03 13.34
CA VAL B 111 4.16 0.89 12.15
C VAL B 111 3.81 0.03 10.95
N PHE B 112 2.98 0.57 10.07
CA PHE B 112 2.55 -0.10 8.84
C PHE B 112 3.48 0.36 7.71
N ASP B 113 4.42 -0.51 7.34
CA ASP B 113 5.44 -0.12 6.38
C ASP B 113 5.13 -0.55 4.95
N VAL B 114 4.32 -1.58 4.76
CA VAL B 114 3.97 -2.09 3.43
C VAL B 114 2.46 -2.25 3.37
N TRP B 115 1.86 -1.74 2.30
CA TRP B 115 0.40 -1.73 2.12
C TRP B 115 0.03 -2.43 0.83
N GLY B 116 -1.00 -3.27 0.89
CA GLY B 116 -1.62 -3.75 -0.32
C GLY B 116 -2.42 -2.67 -1.00
N GLN B 117 -2.65 -2.84 -2.30
CA GLN B 117 -3.31 -1.81 -3.08
C GLN B 117 -4.82 -1.75 -2.88
N GLY B 118 -5.36 -2.52 -1.94
CA GLY B 118 -6.74 -2.34 -1.58
C GLY B 118 -7.69 -3.25 -2.33
N THR B 119 -8.73 -3.69 -1.61
CA THR B 119 -9.85 -4.44 -2.17
C THR B 119 -11.12 -3.66 -1.87
N MET B 120 -11.84 -3.25 -2.93
CA MET B 120 -13.05 -2.48 -2.74
C MET B 120 -14.25 -3.40 -2.62
N LEU B 121 -15.06 -3.16 -1.59
CA LEU B 121 -16.29 -3.91 -1.35
C LEU B 121 -17.48 -2.97 -1.55
N THR B 122 -18.49 -3.45 -2.27
CA THR B 122 -19.75 -2.74 -2.40
C THR B 122 -20.86 -3.63 -1.84
N VAL B 123 -21.65 -3.08 -0.93
CA VAL B 123 -22.82 -3.76 -0.38
C VAL B 123 -24.05 -3.11 -1.00
N SER B 124 -24.72 -3.84 -1.88
CA SER B 124 -25.85 -3.29 -2.63
C SER B 124 -26.73 -4.45 -3.08
N SER B 125 -28.02 -4.19 -3.16
CA SER B 125 -28.98 -5.13 -3.71
C SER B 125 -29.18 -4.94 -5.20
N ALA B 126 -28.56 -3.91 -5.79
CA ALA B 126 -28.74 -3.64 -7.21
C ALA B 126 -28.01 -4.69 -8.05
N SER B 127 -28.46 -4.84 -9.29
CA SER B 127 -27.90 -5.83 -10.19
C SER B 127 -26.56 -5.35 -10.74
N THR B 128 -25.58 -6.26 -10.72
CA THR B 128 -24.32 -6.00 -11.40
C THR B 128 -24.58 -5.87 -12.90
N LYS B 129 -23.88 -4.93 -13.54
CA LYS B 129 -23.98 -4.77 -14.98
C LYS B 129 -22.63 -4.41 -15.56
N GLY B 130 -22.24 -5.11 -16.62
CA GLY B 130 -20.99 -4.85 -17.30
C GLY B 130 -21.09 -3.65 -18.21
N PRO B 131 -19.98 -2.96 -18.43
CA PRO B 131 -19.98 -1.76 -19.26
C PRO B 131 -19.77 -2.05 -20.74
N SER B 132 -20.21 -1.09 -21.56
CA SER B 132 -19.85 -1.04 -22.97
C SER B 132 -18.66 -0.11 -23.13
N VAL B 133 -17.74 -0.47 -24.03
CA VAL B 133 -16.54 0.31 -24.29
C VAL B 133 -16.63 0.85 -25.70
N PHE B 134 -16.50 2.17 -25.85
CA PHE B 134 -16.56 2.81 -27.14
C PHE B 134 -15.29 3.61 -27.41
N PRO B 135 -14.85 3.70 -28.66
CA PRO B 135 -13.66 4.49 -28.97
C PRO B 135 -13.96 5.98 -28.98
N LEU B 136 -13.03 6.75 -28.41
CA LEU B 136 -12.98 8.19 -28.60
C LEU B 136 -11.85 8.43 -29.60
N ALA B 137 -12.20 8.37 -30.88
CA ALA B 137 -11.22 8.35 -31.95
C ALA B 137 -10.64 9.75 -32.19
N PRO B 138 -9.35 9.85 -32.48
CA PRO B 138 -8.78 11.15 -32.84
C PRO B 138 -9.12 11.51 -34.28
N SER B 139 -9.45 12.78 -34.48
CA SER B 139 -9.77 13.30 -35.81
C SER B 139 -9.33 14.77 -35.84
N SER B 140 -9.66 15.45 -36.93
CA SER B 140 -9.36 16.88 -37.01
C SER B 140 -9.96 17.65 -35.85
N LYS B 141 -11.12 17.20 -35.34
CA LYS B 141 -11.75 17.85 -34.20
C LYS B 141 -11.08 17.49 -32.87
N SER B 142 -10.24 16.45 -32.85
CA SER B 142 -9.56 16.01 -31.64
C SER B 142 -8.06 16.28 -31.69
N THR B 143 -7.58 17.02 -32.67
CA THR B 143 -6.17 17.40 -32.80
C THR B 143 -6.07 18.91 -32.93
N SER B 144 -5.45 19.56 -31.95
CA SER B 144 -5.20 20.99 -31.99
C SER B 144 -3.70 21.21 -32.07
N GLY B 145 -3.25 21.83 -33.16
CA GLY B 145 -1.82 21.97 -33.36
C GLY B 145 -1.17 20.61 -33.50
N GLY B 146 -0.04 20.41 -32.83
CA GLY B 146 0.70 19.17 -32.91
C GLY B 146 0.24 18.07 -31.98
N THR B 147 -0.71 18.33 -31.09
CA THR B 147 -1.15 17.34 -30.12
C THR B 147 -2.49 16.76 -30.51
N ALA B 148 -2.63 15.44 -30.35
CA ALA B 148 -3.86 14.72 -30.65
C ALA B 148 -4.42 14.12 -29.38
N ALA B 149 -5.75 14.08 -29.29
CA ALA B 149 -6.45 13.48 -28.16
C ALA B 149 -7.24 12.27 -28.61
N LEU B 150 -7.23 11.22 -27.78
CA LEU B 150 -7.98 10.01 -28.04
C LEU B 150 -8.27 9.35 -26.70
N GLY B 151 -9.24 8.44 -26.69
CA GLY B 151 -9.60 7.80 -25.44
C GLY B 151 -10.64 6.72 -25.63
N CYS B 152 -11.23 6.32 -24.49
CA CYS B 152 -12.25 5.27 -24.45
C CYS B 152 -13.37 5.69 -23.53
N LEU B 153 -14.61 5.48 -23.99
CA LEU B 153 -15.80 5.74 -23.19
C LEU B 153 -16.29 4.42 -22.61
N VAL B 154 -16.35 4.35 -21.29
CA VAL B 154 -16.83 3.18 -20.56
C VAL B 154 -18.14 3.59 -19.90
N LYS B 155 -19.24 3.01 -20.38
CA LYS B 155 -20.58 3.47 -20.08
C LYS B 155 -21.44 2.36 -19.49
N ASP B 156 -22.29 2.73 -18.53
CA ASP B 156 -23.34 1.87 -17.99
C ASP B 156 -22.74 0.61 -17.32
N TYR B 157 -22.19 0.83 -16.13
CA TYR B 157 -21.71 -0.30 -15.35
C TYR B 157 -22.09 -0.11 -13.89
N PHE B 158 -22.08 -1.21 -13.16
CA PHE B 158 -22.32 -1.23 -11.73
C PHE B 158 -21.76 -2.52 -11.13
N PRO B 159 -21.04 -2.44 -10.00
CA PRO B 159 -20.78 -1.17 -9.32
C PRO B 159 -19.38 -0.64 -9.62
N GLU B 160 -18.88 0.22 -8.73
CA GLU B 160 -17.48 0.56 -8.71
C GLU B 160 -16.68 -0.67 -8.27
N PRO B 161 -15.42 -0.82 -8.75
CA PRO B 161 -14.69 0.03 -9.68
C PRO B 161 -14.43 -0.60 -11.04
N VAL B 162 -14.04 0.23 -12.00
CA VAL B 162 -13.53 -0.23 -13.29
C VAL B 162 -12.13 0.34 -13.45
N THR B 163 -11.19 -0.52 -13.78
CA THR B 163 -9.81 -0.11 -14.02
C THR B 163 -9.56 -0.10 -15.52
N VAL B 164 -8.85 0.93 -15.99
CA VAL B 164 -8.47 1.02 -17.40
C VAL B 164 -6.98 1.34 -17.48
N SER B 165 -6.27 0.59 -18.31
CA SER B 165 -4.89 0.87 -18.64
C SER B 165 -4.77 1.05 -20.15
N TRP B 166 -3.59 1.47 -20.60
CA TRP B 166 -3.33 1.68 -22.01
C TRP B 166 -2.09 0.91 -22.41
N ASN B 167 -2.21 0.11 -23.47
CA ASN B 167 -1.12 -0.74 -23.96
C ASN B 167 -0.55 -1.61 -22.85
N SER B 168 -1.46 -2.22 -22.09
CA SER B 168 -1.12 -3.16 -21.01
C SER B 168 -0.23 -2.51 -19.95
N GLY B 169 -0.36 -1.19 -19.77
CA GLY B 169 0.40 -0.48 -18.77
C GLY B 169 1.66 0.21 -19.26
N ALA B 170 2.00 0.06 -20.54
CA ALA B 170 3.20 0.70 -21.07
C ALA B 170 2.98 2.17 -21.41
N LEU B 171 1.73 2.61 -21.54
CA LEU B 171 1.41 4.00 -21.85
C LEU B 171 0.72 4.59 -20.62
N THR B 172 1.41 5.53 -19.97
CA THR B 172 0.88 6.16 -18.75
C THR B 172 1.00 7.68 -18.84
N SER B 173 2.01 8.16 -19.57
CA SER B 173 2.26 9.59 -19.68
C SER B 173 1.11 10.29 -20.38
N GLY B 174 0.54 11.29 -19.72
CA GLY B 174 -0.55 12.06 -20.28
C GLY B 174 -1.91 11.39 -20.27
N VAL B 175 -2.08 10.34 -19.48
CA VAL B 175 -3.36 9.63 -19.39
C VAL B 175 -4.20 10.27 -18.29
N HIS B 176 -5.46 10.55 -18.61
CA HIS B 176 -6.43 11.03 -17.62
C HIS B 176 -7.61 10.06 -17.62
N THR B 177 -7.70 9.23 -16.59
CA THR B 177 -8.89 8.41 -16.34
C THR B 177 -9.73 9.15 -15.31
N PHE B 178 -10.80 9.78 -15.78
CA PHE B 178 -11.64 10.61 -14.92
C PHE B 178 -12.28 9.77 -13.82
N PRO B 179 -12.81 10.41 -12.79
CA PRO B 179 -13.72 9.71 -11.88
C PRO B 179 -15.03 9.40 -12.59
N ALA B 180 -15.74 8.40 -12.06
CA ALA B 180 -17.02 8.02 -12.63
C ALA B 180 -18.09 9.05 -12.26
N VAL B 181 -19.01 9.27 -13.19
CA VAL B 181 -20.23 10.02 -12.92
C VAL B 181 -21.34 9.02 -12.64
N LEU B 182 -22.28 9.41 -11.78
CA LEU B 182 -23.46 8.61 -11.51
C LEU B 182 -24.56 9.05 -12.48
N GLN B 183 -24.92 8.18 -13.40
CA GLN B 183 -25.97 8.51 -14.35
C GLN B 183 -27.34 8.44 -13.68
N SER B 184 -28.33 9.04 -14.35
CA SER B 184 -29.69 9.05 -13.83
C SER B 184 -30.27 7.66 -13.70
N SER B 185 -29.74 6.69 -14.44
CA SER B 185 -30.20 5.30 -14.39
C SER B 185 -29.66 4.53 -13.19
N GLY B 186 -28.82 5.14 -12.36
CA GLY B 186 -28.14 4.43 -11.30
C GLY B 186 -26.87 3.73 -11.72
N LEU B 187 -26.56 3.73 -13.02
CA LEU B 187 -25.33 3.12 -13.52
C LEU B 187 -24.23 4.17 -13.64
N TYR B 188 -22.99 3.71 -13.52
CA TYR B 188 -21.84 4.59 -13.62
C TYR B 188 -21.40 4.72 -15.08
N SER B 189 -20.70 5.82 -15.36
CA SER B 189 -20.13 6.05 -16.67
C SER B 189 -18.77 6.70 -16.51
N LEU B 190 -17.88 6.43 -17.47
CA LEU B 190 -16.48 6.79 -17.30
C LEU B 190 -15.84 7.02 -18.65
N SER B 191 -14.88 7.95 -18.69
CA SER B 191 -14.01 8.15 -19.85
C SER B 191 -12.56 8.18 -19.38
N SER B 192 -11.68 7.69 -20.26
CA SER B 192 -10.24 7.79 -20.07
C SER B 192 -9.64 8.25 -21.39
N VAL B 193 -8.82 9.30 -21.33
CA VAL B 193 -8.28 9.94 -22.52
C VAL B 193 -6.76 9.99 -22.41
N VAL B 194 -6.11 10.31 -23.52
CA VAL B 194 -4.66 10.48 -23.57
C VAL B 194 -4.34 11.46 -24.69
N THR B 195 -3.35 12.32 -24.46
CA THR B 195 -2.83 13.20 -25.50
C THR B 195 -1.54 12.61 -26.06
N VAL B 196 -1.45 12.57 -27.38
CA VAL B 196 -0.30 12.01 -28.09
C VAL B 196 0.04 12.94 -29.25
N PRO B 197 1.24 12.77 -29.84
CA PRO B 197 1.57 13.59 -31.01
C PRO B 197 0.67 13.27 -32.19
N SER B 198 0.21 14.32 -32.86
CA SER B 198 -0.66 14.15 -34.02
C SER B 198 0.07 13.49 -35.18
N SER B 199 1.38 13.73 -35.32
CA SER B 199 2.16 13.16 -36.41
C SER B 199 2.29 11.64 -36.31
N SER B 200 2.02 11.07 -35.13
CA SER B 200 2.26 9.66 -34.88
C SER B 200 1.00 8.81 -34.97
N LEU B 201 -0.15 9.43 -35.26
CA LEU B 201 -1.40 8.67 -35.28
C LEU B 201 -1.40 7.57 -36.33
N GLY B 202 -0.61 7.74 -37.40
CA GLY B 202 -0.57 6.74 -38.44
C GLY B 202 0.33 5.55 -38.16
N THR B 203 1.28 5.70 -37.23
CA THR B 203 2.26 4.66 -36.94
C THR B 203 2.09 4.00 -35.59
N GLN B 204 1.55 4.70 -34.60
CA GLN B 204 1.44 4.16 -33.26
C GLN B 204 0.12 3.42 -33.07
N THR B 205 0.10 2.55 -32.07
CA THR B 205 -1.09 1.78 -31.71
C THR B 205 -1.47 2.12 -30.27
N TYR B 206 -2.73 2.46 -30.07
CA TYR B 206 -3.24 2.82 -28.76
C TYR B 206 -4.44 1.93 -28.43
N ILE B 207 -4.28 1.10 -27.41
CA ILE B 207 -5.31 0.16 -26.98
C ILE B 207 -5.60 0.44 -25.52
N CYS B 208 -6.87 0.68 -25.21
CA CYS B 208 -7.29 0.81 -23.83
C CYS B 208 -7.75 -0.55 -23.32
N ASN B 209 -7.32 -0.88 -22.12
CA ASN B 209 -7.63 -2.17 -21.50
C ASN B 209 -8.58 -1.91 -20.34
N VAL B 210 -9.84 -2.26 -20.53
CA VAL B 210 -10.90 -1.99 -19.56
C VAL B 210 -11.21 -3.26 -18.79
N ASN B 211 -11.17 -3.18 -17.47
CA ASN B 211 -11.48 -4.29 -16.59
C ASN B 211 -12.60 -3.91 -15.65
N HIS B 212 -13.65 -4.73 -15.62
CA HIS B 212 -14.73 -4.63 -14.63
C HIS B 212 -14.94 -6.05 -14.10
N LYS B 213 -14.26 -6.37 -13.01
CA LYS B 213 -14.26 -7.72 -12.45
C LYS B 213 -15.63 -8.17 -11.91
N PRO B 214 -16.40 -7.31 -11.23
CA PRO B 214 -17.73 -7.75 -10.75
C PRO B 214 -18.64 -8.29 -11.84
N SER B 215 -18.41 -7.93 -13.10
CA SER B 215 -19.17 -8.48 -14.21
C SER B 215 -18.29 -9.31 -15.15
N ASN B 216 -17.03 -9.55 -14.77
CA ASN B 216 -16.08 -10.29 -15.60
C ASN B 216 -15.95 -9.66 -16.99
N THR B 217 -15.93 -8.33 -17.03
CA THR B 217 -15.74 -7.59 -18.28
C THR B 217 -14.26 -7.26 -18.42
N LYS B 218 -13.64 -7.79 -19.46
CA LYS B 218 -12.24 -7.54 -19.79
C LYS B 218 -12.17 -7.26 -21.28
N VAL B 219 -11.87 -6.02 -21.66
CA VAL B 219 -11.96 -5.58 -23.04
C VAL B 219 -10.68 -4.82 -23.40
N ASP B 220 -10.12 -5.12 -24.57
CA ASP B 220 -9.03 -4.36 -25.17
C ASP B 220 -9.55 -3.77 -26.47
N LYS B 221 -9.69 -2.45 -26.53
CA LYS B 221 -10.23 -1.77 -27.70
C LYS B 221 -9.15 -0.92 -28.35
N LYS B 222 -8.89 -1.18 -29.63
CA LYS B 222 -7.95 -0.37 -30.39
C LYS B 222 -8.63 0.92 -30.84
N VAL B 223 -8.02 2.06 -30.49
CA VAL B 223 -8.55 3.37 -30.84
C VAL B 223 -7.80 3.87 -32.06
N GLU B 224 -8.53 4.05 -33.16
CA GLU B 224 -7.97 4.43 -34.44
C GLU B 224 -8.66 5.69 -34.96
N PRO B 225 -7.93 6.54 -35.69
CA PRO B 225 -8.50 7.74 -36.32
C PRO B 225 -9.56 7.43 -37.37
N LEU C 1 -6.07 5.92 21.52
CA LEU C 1 -6.41 7.31 21.84
C LEU C 1 -6.85 8.06 20.58
N THR C 2 -7.43 9.24 20.77
CA THR C 2 -7.99 10.02 19.68
C THR C 2 -6.93 10.95 19.09
N LEU C 3 -6.90 11.03 17.76
CA LEU C 3 -5.99 11.90 17.04
C LEU C 3 -6.78 12.91 16.24
N THR C 4 -6.41 14.19 16.36
CA THR C 4 -7.05 15.28 15.64
C THR C 4 -5.99 16.06 14.91
N GLN C 5 -6.16 16.23 13.60
CA GLN C 5 -5.20 16.94 12.77
C GLN C 5 -5.67 18.36 12.51
N SER C 6 -4.71 19.28 12.37
CA SER C 6 -4.99 20.67 12.08
C SER C 6 -3.95 21.15 11.07
N PRO C 7 -4.38 21.71 9.93
CA PRO C 7 -5.79 21.88 9.57
C PRO C 7 -6.35 20.67 8.83
N SER C 8 -7.63 20.71 8.47
CA SER C 8 -8.20 19.63 7.66
C SER C 8 -7.88 19.82 6.18
N SER C 9 -7.80 21.07 5.71
CA SER C 9 -7.47 21.38 4.34
C SER C 9 -6.34 22.40 4.31
N LEU C 10 -5.47 22.27 3.31
CA LEU C 10 -4.26 23.08 3.20
C LEU C 10 -4.05 23.46 1.75
N SER C 11 -3.67 24.71 1.51
CA SER C 11 -3.38 25.22 0.18
C SER C 11 -2.05 25.97 0.22
N ALA C 12 -1.10 25.56 -0.62
CA ALA C 12 0.19 26.22 -0.67
C ALA C 12 0.75 26.10 -2.08
N SER C 13 1.81 26.86 -2.34
CA SER C 13 2.48 26.90 -3.63
C SER C 13 3.75 26.06 -3.60
N VAL C 14 4.23 25.70 -4.79
CA VAL C 14 5.47 24.95 -4.90
C VAL C 14 6.61 25.80 -4.34
N GLY C 15 7.39 25.22 -3.43
CA GLY C 15 8.43 25.93 -2.73
C GLY C 15 8.05 26.44 -1.37
N ASP C 16 6.76 26.43 -1.02
CA ASP C 16 6.33 26.86 0.30
C ASP C 16 6.73 25.82 1.35
N ARG C 17 6.91 26.29 2.57
CA ARG C 17 7.09 25.42 3.74
C ARG C 17 5.73 25.21 4.39
N VAL C 18 5.32 23.96 4.54
CA VAL C 18 4.03 23.63 5.12
C VAL C 18 4.22 22.72 6.32
N THR C 19 3.33 22.87 7.30
CA THR C 19 3.32 22.05 8.49
C THR C 19 1.91 21.55 8.75
N ILE C 20 1.82 20.36 9.35
CA ILE C 20 0.55 19.74 9.70
C ILE C 20 0.69 19.16 11.10
N THR C 21 -0.24 19.50 11.99
CA THR C 21 -0.17 19.10 13.39
C THR C 21 -1.14 17.98 13.69
N CYS C 22 -0.72 17.06 14.56
CA CYS C 22 -1.55 15.98 15.06
C CYS C 22 -1.58 16.08 16.58
N ARG C 23 -2.77 16.03 17.15
CA ARG C 23 -2.98 16.26 18.58
C ARG C 23 -3.68 15.04 19.18
N ALA C 24 -3.01 14.40 20.14
CA ALA C 24 -3.53 13.18 20.74
C ALA C 24 -4.31 13.51 22.01
N SER C 25 -5.49 12.89 22.15
CA SER C 25 -6.34 13.12 23.32
C SER C 25 -5.66 12.72 24.62
N GLN C 26 -4.58 11.96 24.55
CA GLN C 26 -3.80 11.58 25.72
C GLN C 26 -2.41 11.21 25.22
N SER C 27 -1.46 11.09 26.15
CA SER C 27 -0.08 10.84 25.78
C SER C 27 0.06 9.51 25.05
N ILE C 28 0.78 9.53 23.93
CA ILE C 28 1.08 8.34 23.15
C ILE C 28 2.58 8.10 23.07
N SER C 29 3.35 8.75 23.93
CA SER C 29 4.82 8.69 23.94
C SER C 29 5.27 9.15 22.55
N SER C 30 6.07 8.36 21.82
CA SER C 30 6.50 8.73 20.48
C SER C 30 6.05 7.72 19.42
N PHE C 31 4.99 6.97 19.71
CA PHE C 31 4.48 5.97 18.76
C PHE C 31 3.46 6.62 17.81
N LEU C 32 3.97 7.58 17.05
CA LEU C 32 3.17 8.33 16.08
C LEU C 32 3.82 8.19 14.71
N ASN C 33 3.01 7.85 13.72
CA ASN C 33 3.49 7.64 12.35
C ASN C 33 2.70 8.52 11.39
N TRP C 34 3.33 8.87 10.29
CA TRP C 34 2.72 9.71 9.25
C TRP C 34 2.64 8.93 7.95
N TYR C 35 1.51 9.08 7.26
CA TYR C 35 1.28 8.40 6.00
C TYR C 35 0.81 9.40 4.95
N GLN C 36 1.21 9.15 3.71
CA GLN C 36 0.82 9.95 2.56
C GLN C 36 -0.01 9.09 1.62
N GLN C 37 -1.17 9.60 1.23
CA GLN C 37 -2.07 8.87 0.34
C GLN C 37 -2.39 9.73 -0.88
N LYS C 38 -1.90 9.32 -2.01
CA LYS C 38 -2.26 9.96 -3.26
C LYS C 38 -3.55 9.35 -3.80
N PRO C 39 -4.30 10.09 -4.61
CA PRO C 39 -5.63 9.62 -5.01
C PRO C 39 -5.60 8.28 -5.74
N GLY C 40 -6.48 7.38 -5.32
CA GLY C 40 -6.59 6.06 -5.90
C GLY C 40 -5.54 5.05 -5.49
N LYS C 41 -4.66 5.40 -4.56
CA LYS C 41 -3.55 4.53 -4.19
C LYS C 41 -3.56 4.25 -2.69
N ALA C 42 -2.83 3.21 -2.31
CA ALA C 42 -2.68 2.88 -0.92
C ALA C 42 -1.85 3.95 -0.20
N PRO C 43 -2.03 4.10 1.10
CA PRO C 43 -1.18 5.03 1.86
C PRO C 43 0.28 4.60 1.81
N LYS C 44 1.16 5.57 2.00
CA LYS C 44 2.60 5.36 1.95
C LYS C 44 3.23 5.95 3.22
N LEU C 45 4.09 5.16 3.86
CA LEU C 45 4.73 5.59 5.10
C LEU C 45 5.77 6.66 4.81
N LEU C 46 5.70 7.76 5.56
CA LEU C 46 6.66 8.86 5.47
C LEU C 46 7.57 8.93 6.69
N ILE C 47 6.98 8.99 7.88
CA ILE C 47 7.72 9.15 9.13
C ILE C 47 7.22 8.11 10.11
N TYR C 48 8.15 7.39 10.73
CA TYR C 48 7.81 6.52 11.83
C TYR C 48 8.49 7.02 13.10
N ALA C 49 7.96 6.58 14.24
CA ALA C 49 8.46 7.00 15.55
C ALA C 49 8.46 8.52 15.70
N ALA C 50 7.50 9.17 15.05
CA ALA C 50 7.26 10.61 15.16
C ALA C 50 8.36 11.48 14.56
N SER C 51 9.55 10.92 14.33
CA SER C 51 10.67 11.74 13.91
C SER C 51 11.62 11.04 12.94
N SER C 52 11.54 9.72 12.84
CA SER C 52 12.43 8.97 11.98
C SER C 52 11.91 8.95 10.55
N LEU C 53 12.76 9.38 9.61
CA LEU C 53 12.41 9.37 8.20
C LEU C 53 12.55 7.96 7.62
N GLN C 54 11.53 7.50 6.92
CA GLN C 54 11.57 6.18 6.32
C GLN C 54 12.52 6.15 5.13
N SER C 55 13.19 5.02 4.97
CA SER C 55 14.14 4.83 3.86
C SER C 55 13.45 5.07 2.52
N GLY C 56 14.00 6.00 1.74
CA GLY C 56 13.46 6.31 0.43
C GLY C 56 12.54 7.50 0.37
N VAL C 57 12.21 8.11 1.52
CA VAL C 57 11.35 9.29 1.55
C VAL C 57 12.24 10.52 1.36
N PRO C 58 11.85 11.47 0.51
CA PRO C 58 12.70 12.63 0.27
C PRO C 58 12.94 13.40 1.56
N PRO C 59 14.12 14.01 1.71
CA PRO C 59 14.48 14.61 2.99
C PRO C 59 13.68 15.86 3.34
N ARG C 60 12.93 16.43 2.40
CA ARG C 60 12.09 17.58 2.74
C ARG C 60 10.99 17.22 3.72
N PHE C 61 10.61 15.94 3.81
CA PHE C 61 9.67 15.49 4.82
C PHE C 61 10.39 15.30 6.14
N SER C 62 9.79 15.83 7.21
CA SER C 62 10.35 15.70 8.55
C SER C 62 9.22 15.69 9.57
N GLY C 63 9.46 15.05 10.69
CA GLY C 63 8.49 15.00 11.77
C GLY C 63 9.13 15.32 13.09
N SER C 64 8.30 15.81 14.03
CA SER C 64 8.77 16.10 15.37
C SER C 64 7.58 16.05 16.31
N GLY C 65 7.87 16.17 17.60
CA GLY C 65 6.86 16.15 18.64
C GLY C 65 6.97 14.93 19.54
N SER C 66 6.21 15.00 20.63
CA SER C 66 6.14 13.90 21.59
C SER C 66 4.92 14.12 22.46
N GLY C 67 4.57 13.08 23.21
CA GLY C 67 3.45 13.15 24.11
C GLY C 67 2.11 13.27 23.42
N THR C 68 1.58 14.49 23.34
CA THR C 68 0.25 14.72 22.81
C THR C 68 0.22 15.52 21.51
N ASP C 69 1.26 16.29 21.20
CA ASP C 69 1.26 17.16 20.03
C ASP C 69 2.41 16.80 19.10
N PHE C 70 2.12 16.71 17.80
CA PHE C 70 3.10 16.28 16.81
C PHE C 70 2.99 17.16 15.57
N THR C 71 4.04 17.12 14.75
CA THR C 71 4.13 17.98 13.58
C THR C 71 4.83 17.25 12.44
N LEU C 72 4.26 17.37 11.24
CA LEU C 72 4.91 16.96 10.00
C LEU C 72 5.23 18.20 9.19
N THR C 73 6.47 18.31 8.73
CA THR C 73 6.95 19.49 8.02
C THR C 73 7.45 19.10 6.64
N ILE C 74 6.99 19.82 5.63
CA ILE C 74 7.54 19.73 4.28
C ILE C 74 8.31 21.03 4.03
N SER C 75 9.64 20.91 3.92
CA SER C 75 10.48 22.10 3.88
C SER C 75 10.28 22.89 2.59
N SER C 76 10.05 22.20 1.48
CA SER C 76 9.86 22.85 0.18
C SER C 76 8.85 22.03 -0.60
N LEU C 77 7.62 22.54 -0.71
CA LEU C 77 6.56 21.80 -1.38
C LEU C 77 6.91 21.52 -2.83
N GLN C 78 6.56 20.34 -3.28
CA GLN C 78 6.75 19.88 -4.65
C GLN C 78 5.43 19.40 -5.22
N PRO C 79 5.27 19.42 -6.54
CA PRO C 79 4.00 18.96 -7.13
C PRO C 79 3.59 17.56 -6.72
N GLU C 80 4.54 16.63 -6.56
CA GLU C 80 4.19 15.27 -6.17
C GLU C 80 3.59 15.19 -4.78
N ASP C 81 3.75 16.23 -3.96
CA ASP C 81 3.27 16.21 -2.59
C ASP C 81 1.76 16.39 -2.48
N PHE C 82 1.06 16.61 -3.60
CA PHE C 82 -0.39 16.63 -3.60
C PHE C 82 -0.93 15.28 -3.13
N ALA C 83 -1.51 15.25 -1.93
CA ALA C 83 -2.01 14.02 -1.35
C ALA C 83 -2.79 14.38 -0.09
N THR C 84 -3.32 13.35 0.57
CA THR C 84 -3.91 13.46 1.90
C THR C 84 -2.98 12.80 2.90
N TYR C 85 -2.79 13.46 4.04
CA TYR C 85 -1.82 13.04 5.04
C TYR C 85 -2.54 12.63 6.32
N TYR C 86 -2.17 11.45 6.84
CA TYR C 86 -2.77 10.90 8.04
C TYR C 86 -1.70 10.66 9.08
N CYS C 87 -2.00 11.00 10.34
CA CYS C 87 -1.20 10.56 11.47
C CYS C 87 -1.87 9.34 12.09
N GLN C 88 -1.04 8.47 12.67
CA GLN C 88 -1.52 7.23 13.24
C GLN C 88 -0.73 6.93 14.51
N GLN C 89 -1.44 6.65 15.60
CA GLN C 89 -0.82 6.29 16.87
C GLN C 89 -0.78 4.78 17.01
N SER C 90 0.35 4.28 17.49
CA SER C 90 0.53 2.86 17.77
C SER C 90 0.96 2.65 19.21
N TYR C 91 0.41 3.46 20.11
CA TYR C 91 0.68 3.35 21.54
C TYR C 91 -0.32 2.44 22.25
N SER C 92 -1.61 2.69 22.06
CA SER C 92 -2.65 1.92 22.73
C SER C 92 -2.98 0.66 21.94
N THR C 93 -3.92 -0.14 22.47
CA THR C 93 -4.20 -1.45 21.92
C THR C 93 -5.04 -1.40 20.63
N PRO C 94 -6.02 -0.48 20.48
CA PRO C 94 -6.60 -0.28 19.14
C PRO C 94 -5.92 0.85 18.39
N ARG C 95 -5.31 0.52 17.26
CA ARG C 95 -4.66 1.54 16.43
C ARG C 95 -5.70 2.52 15.89
N THR C 96 -5.35 3.81 15.90
CA THR C 96 -6.25 4.85 15.45
C THR C 96 -5.50 5.82 14.55
N PHE C 97 -6.27 6.52 13.71
CA PHE C 97 -5.74 7.48 12.75
C PHE C 97 -6.35 8.86 13.00
N GLY C 98 -5.66 9.88 12.52
CA GLY C 98 -6.23 11.21 12.44
C GLY C 98 -7.18 11.34 11.27
N GLN C 99 -7.97 12.42 11.27
CA GLN C 99 -9.01 12.57 10.25
C GLN C 99 -8.43 12.77 8.85
N GLY C 100 -7.17 13.18 8.75
CA GLY C 100 -6.56 13.37 7.44
C GLY C 100 -6.55 14.82 6.99
N THR C 101 -5.46 15.24 6.36
CA THR C 101 -5.28 16.60 5.88
C THR C 101 -5.10 16.58 4.38
N LYS C 102 -6.02 17.22 3.65
CA LYS C 102 -5.93 17.30 2.21
C LYS C 102 -5.07 18.50 1.83
N LEU C 103 -4.07 18.26 0.98
CA LEU C 103 -3.08 19.26 0.60
C LEU C 103 -3.25 19.59 -0.88
N GLU C 104 -3.81 20.75 -1.17
CA GLU C 104 -3.96 21.24 -2.54
C GLU C 104 -2.83 22.21 -2.87
N ILE C 105 -2.48 22.27 -4.14
CA ILE C 105 -1.32 23.04 -4.60
C ILE C 105 -1.81 24.15 -5.51
N LYS C 106 -1.32 25.37 -5.26
CA LYS C 106 -1.62 26.53 -6.08
C LYS C 106 -0.49 26.77 -7.06
N ARG C 107 -0.85 27.21 -8.27
CA ARG C 107 0.13 27.46 -9.31
C ARG C 107 -0.41 28.57 -10.22
N THR C 108 0.35 28.87 -11.27
CA THR C 108 -0.05 29.91 -12.21
C THR C 108 -1.21 29.42 -13.08
N VAL C 109 -1.88 30.38 -13.72
CA VAL C 109 -2.96 30.08 -14.63
C VAL C 109 -2.43 29.33 -15.84
N ALA C 110 -3.15 28.29 -16.26
CA ALA C 110 -2.81 27.52 -17.44
C ALA C 110 -4.09 27.27 -18.22
N ALA C 111 -4.13 27.69 -19.49
CA ALA C 111 -5.34 27.58 -20.28
C ALA C 111 -5.58 26.13 -20.71
N PRO C 112 -6.85 25.72 -20.80
CA PRO C 112 -7.14 24.35 -21.24
C PRO C 112 -6.98 24.17 -22.74
N SER C 113 -6.48 23.01 -23.13
CA SER C 113 -6.62 22.53 -24.50
C SER C 113 -7.98 21.86 -24.62
N VAL C 114 -8.74 22.22 -25.65
CA VAL C 114 -10.11 21.75 -25.81
C VAL C 114 -10.18 20.82 -27.01
N PHE C 115 -10.74 19.63 -26.82
CA PHE C 115 -10.98 18.66 -27.86
C PHE C 115 -12.42 18.16 -27.75
N ILE C 116 -13.01 17.82 -28.89
CA ILE C 116 -14.38 17.32 -28.92
C ILE C 116 -14.39 16.00 -29.67
N PHE C 117 -15.20 15.05 -29.17
CA PHE C 117 -15.29 13.71 -29.72
C PHE C 117 -16.72 13.42 -30.15
N PRO C 118 -17.00 13.19 -31.43
CA PRO C 118 -18.33 12.75 -31.83
C PRO C 118 -18.63 11.37 -31.27
N PRO C 119 -19.90 10.95 -31.29
CA PRO C 119 -20.20 9.57 -30.89
C PRO C 119 -19.67 8.58 -31.93
N SER C 120 -19.18 7.45 -31.44
CA SER C 120 -18.69 6.41 -32.33
C SER C 120 -19.87 5.73 -33.03
N ASP C 121 -19.57 5.11 -34.18
CA ASP C 121 -20.60 4.39 -34.91
C ASP C 121 -21.07 3.16 -34.14
N GLU C 122 -20.20 2.59 -33.29
CA GLU C 122 -20.62 1.46 -32.46
C GLU C 122 -21.76 1.85 -31.54
N GLN C 123 -21.62 2.99 -30.85
CA GLN C 123 -22.65 3.42 -29.91
C GLN C 123 -23.94 3.82 -30.62
N LEU C 124 -23.82 4.44 -31.81
CA LEU C 124 -25.02 4.83 -32.54
C LEU C 124 -25.85 3.63 -32.97
N LYS C 125 -25.22 2.49 -33.24
CA LYS C 125 -25.97 1.29 -33.56
C LYS C 125 -26.82 0.83 -32.39
N SER C 126 -26.39 1.13 -31.16
CA SER C 126 -27.11 0.69 -29.97
C SER C 126 -28.25 1.63 -29.59
N GLY C 127 -28.37 2.78 -30.24
CA GLY C 127 -29.49 3.68 -30.01
C GLY C 127 -29.20 4.88 -29.13
N THR C 128 -27.96 5.10 -28.73
CA THR C 128 -27.60 6.24 -27.91
C THR C 128 -26.35 6.92 -28.47
N ALA C 129 -26.23 8.21 -28.21
CA ALA C 129 -25.12 9.01 -28.73
C ALA C 129 -24.52 9.83 -27.60
N SER C 130 -23.24 9.62 -27.32
CA SER C 130 -22.51 10.36 -26.30
C SER C 130 -21.45 11.23 -26.99
N VAL C 131 -21.56 12.54 -26.80
CA VAL C 131 -20.61 13.50 -27.36
C VAL C 131 -19.75 13.99 -26.22
N VAL C 132 -18.43 13.83 -26.35
CA VAL C 132 -17.48 14.12 -25.27
C VAL C 132 -16.70 15.37 -25.64
N CYS C 133 -16.66 16.33 -24.71
CA CYS C 133 -15.77 17.48 -24.77
C CYS C 133 -14.73 17.36 -23.67
N LEU C 134 -13.47 17.64 -24.01
CA LEU C 134 -12.34 17.43 -23.10
C LEU C 134 -11.58 18.73 -22.92
N LEU C 135 -11.34 19.09 -21.67
CA LEU C 135 -10.45 20.20 -21.32
C LEU C 135 -9.23 19.60 -20.63
N ASN C 136 -8.05 19.84 -21.19
CA ASN C 136 -6.85 19.11 -20.81
C ASN C 136 -5.83 20.04 -20.16
N ASN C 137 -5.37 19.66 -18.96
CA ASN C 137 -4.29 20.33 -18.25
C ASN C 137 -4.52 21.83 -18.14
N PHE C 138 -5.41 22.23 -17.23
CA PHE C 138 -5.69 23.64 -17.02
C PHE C 138 -5.70 23.94 -15.53
N TYR C 139 -5.52 25.23 -15.20
CA TYR C 139 -5.58 25.74 -13.84
C TYR C 139 -6.01 27.20 -13.92
N PRO C 140 -6.89 27.67 -13.02
CA PRO C 140 -7.49 26.93 -11.91
C PRO C 140 -8.67 26.05 -12.30
N ARG C 141 -9.29 25.45 -11.28
CA ARG C 141 -10.35 24.46 -11.51
C ARG C 141 -11.59 25.08 -12.15
N GLU C 142 -11.91 26.32 -11.82
CA GLU C 142 -13.14 26.94 -12.31
C GLU C 142 -13.10 27.06 -13.84
N ALA C 143 -14.03 26.37 -14.49
CA ALA C 143 -14.16 26.41 -15.95
C ALA C 143 -15.62 26.24 -16.31
N LYS C 144 -16.08 27.04 -17.27
CA LYS C 144 -17.46 26.98 -17.73
C LYS C 144 -17.51 26.28 -19.07
N VAL C 145 -18.38 25.27 -19.17
CA VAL C 145 -18.52 24.45 -20.38
C VAL C 145 -19.98 24.46 -20.78
N GLN C 146 -20.27 24.98 -21.97
CA GLN C 146 -21.63 25.03 -22.50
C GLN C 146 -21.71 24.26 -23.80
N TRP C 147 -22.81 23.53 -23.97
CA TRP C 147 -23.10 22.80 -25.19
C TRP C 147 -24.10 23.57 -26.04
N LYS C 148 -23.84 23.63 -27.34
CA LYS C 148 -24.74 24.25 -28.31
C LYS C 148 -25.03 23.24 -29.41
N VAL C 149 -26.30 23.00 -29.69
CA VAL C 149 -26.72 22.10 -30.74
C VAL C 149 -27.53 22.90 -31.75
N ASP C 150 -27.00 23.05 -32.96
CA ASP C 150 -27.56 23.95 -33.96
C ASP C 150 -27.75 25.35 -33.38
N ASN C 151 -26.69 25.83 -32.72
CA ASN C 151 -26.58 27.14 -32.10
C ASN C 151 -27.52 27.32 -30.91
N ALA C 152 -28.28 26.30 -30.52
CA ALA C 152 -29.20 26.40 -29.41
C ALA C 152 -28.52 25.95 -28.12
N LEU C 153 -28.59 26.79 -27.09
CA LEU C 153 -27.96 26.47 -25.81
C LEU C 153 -28.64 25.25 -25.19
N GLN C 154 -27.84 24.25 -24.84
CA GLN C 154 -28.36 23.03 -24.24
C GLN C 154 -28.35 23.13 -22.72
N SER C 155 -29.24 22.35 -22.11
CA SER C 155 -29.34 22.31 -20.65
C SER C 155 -29.98 21.00 -20.23
N GLY C 156 -29.42 20.38 -19.20
CA GLY C 156 -30.02 19.21 -18.61
C GLY C 156 -29.68 17.87 -19.24
N ASN C 157 -28.72 17.83 -20.15
CA ASN C 157 -28.38 16.60 -20.85
C ASN C 157 -26.88 16.38 -20.91
N SER C 158 -26.13 16.89 -19.94
CA SER C 158 -24.68 16.71 -19.89
C SER C 158 -24.23 16.50 -18.46
N GLN C 159 -23.13 15.78 -18.30
CA GLN C 159 -22.50 15.56 -17.00
C GLN C 159 -21.02 15.88 -17.08
N GLU C 160 -20.48 16.51 -16.04
CA GLU C 160 -19.08 16.90 -15.99
C GLU C 160 -18.31 16.00 -15.03
N SER C 161 -17.03 15.76 -15.35
CA SER C 161 -16.13 15.03 -14.46
C SER C 161 -14.76 15.69 -14.52
N VAL C 162 -14.12 15.84 -13.36
CA VAL C 162 -12.84 16.52 -13.23
C VAL C 162 -11.85 15.57 -12.59
N THR C 163 -10.65 15.50 -13.16
CA THR C 163 -9.58 14.72 -12.55
C THR C 163 -9.11 15.39 -11.27
N GLU C 164 -8.38 14.61 -10.46
CA GLU C 164 -7.65 15.20 -9.36
C GLU C 164 -6.51 16.06 -9.91
N GLN C 165 -5.93 16.87 -9.03
CA GLN C 165 -4.79 17.69 -9.39
C GLN C 165 -3.62 16.81 -9.83
N ASP C 166 -3.00 17.16 -10.96
CA ASP C 166 -1.95 16.32 -11.50
C ASP C 166 -0.71 16.39 -10.62
N SER C 167 0.06 15.30 -10.62
CA SER C 167 1.22 15.18 -9.74
C SER C 167 2.47 15.83 -10.32
N LYS C 168 2.47 16.21 -11.60
CA LYS C 168 3.64 16.85 -12.20
C LYS C 168 3.45 18.33 -12.46
N ASP C 169 2.31 18.73 -13.05
CA ASP C 169 2.07 20.13 -13.36
C ASP C 169 0.92 20.73 -12.56
N SER C 170 0.34 19.97 -11.62
CA SER C 170 -0.66 20.48 -10.67
C SER C 170 -1.90 21.03 -11.37
N THR C 171 -2.21 20.54 -12.57
CA THR C 171 -3.37 21.01 -13.30
C THR C 171 -4.53 20.02 -13.19
N TYR C 172 -5.67 20.45 -13.68
CA TYR C 172 -6.89 19.65 -13.74
C TYR C 172 -7.23 19.34 -15.19
N SER C 173 -8.04 18.31 -15.37
CA SER C 173 -8.64 18.02 -16.66
C SER C 173 -10.12 17.71 -16.44
N LEU C 174 -10.93 18.07 -17.44
CA LEU C 174 -12.37 17.98 -17.30
C LEU C 174 -12.96 17.31 -18.53
N SER C 175 -14.01 16.52 -18.32
CA SER C 175 -14.79 15.96 -19.39
C SER C 175 -16.25 16.36 -19.20
N SER C 176 -16.87 16.87 -20.25
CA SER C 176 -18.31 17.12 -20.27
C SER C 176 -18.91 16.27 -21.38
N THR C 177 -19.85 15.40 -21.01
CA THR C 177 -20.41 14.41 -21.92
C THR C 177 -21.88 14.72 -22.18
N LEU C 178 -22.19 15.08 -23.42
CA LEU C 178 -23.57 15.30 -23.84
C LEU C 178 -24.16 13.98 -24.30
N THR C 179 -25.25 13.54 -23.66
CA THR C 179 -25.88 12.26 -23.97
C THR C 179 -27.24 12.52 -24.61
N LEU C 180 -27.36 12.14 -25.87
CA LEU C 180 -28.61 12.21 -26.61
C LEU C 180 -29.00 10.81 -27.07
N SER C 181 -30.29 10.59 -27.25
CA SER C 181 -30.74 9.37 -27.90
C SER C 181 -30.28 9.37 -29.35
N LYS C 182 -30.36 8.20 -29.98
CA LYS C 182 -30.03 8.11 -31.40
C LYS C 182 -30.94 9.03 -32.21
N ALA C 183 -32.24 9.02 -31.92
CA ALA C 183 -33.18 9.83 -32.68
C ALA C 183 -32.86 11.32 -32.56
N ASP C 184 -32.68 11.81 -31.33
CA ASP C 184 -32.43 13.24 -31.15
C ASP C 184 -31.10 13.66 -31.76
N TYR C 185 -30.10 12.77 -31.76
CA TYR C 185 -28.80 13.14 -32.32
C TYR C 185 -28.90 13.35 -33.83
N GLU C 186 -29.75 12.58 -34.52
CA GLU C 186 -29.87 12.73 -35.97
C GLU C 186 -30.64 13.98 -36.37
N LYS C 187 -31.41 14.58 -35.45
CA LYS C 187 -32.24 15.72 -35.78
C LYS C 187 -31.45 17.01 -35.97
N HIS C 188 -30.15 17.01 -35.72
CA HIS C 188 -29.37 18.24 -35.74
C HIS C 188 -28.05 17.99 -36.43
N LYS C 189 -27.37 19.09 -36.78
CA LYS C 189 -26.13 19.04 -37.55
C LYS C 189 -24.93 19.52 -36.74
N VAL C 190 -24.96 20.75 -36.24
CA VAL C 190 -23.80 21.37 -35.62
C VAL C 190 -23.82 21.10 -34.11
N TYR C 191 -22.78 20.44 -33.61
CA TYR C 191 -22.61 20.16 -32.19
C TYR C 191 -21.36 20.87 -31.70
N ALA C 192 -21.53 21.83 -30.79
CA ALA C 192 -20.45 22.70 -30.36
C ALA C 192 -20.24 22.62 -28.86
N CYS C 193 -19.01 22.91 -28.43
CA CYS C 193 -18.61 22.95 -27.03
C CYS C 193 -17.91 24.28 -26.79
N GLU C 194 -18.51 25.15 -25.99
CA GLU C 194 -17.97 26.48 -25.72
C GLU C 194 -17.36 26.51 -24.32
N VAL C 195 -16.10 26.89 -24.23
CA VAL C 195 -15.33 26.82 -23.00
C VAL C 195 -14.90 28.22 -22.59
N THR C 196 -15.24 28.60 -21.37
CA THR C 196 -14.77 29.84 -20.76
C THR C 196 -13.81 29.49 -19.63
N HIS C 197 -12.66 30.15 -19.59
CA HIS C 197 -11.67 29.89 -18.56
C HIS C 197 -10.83 31.14 -18.36
N GLN C 198 -10.26 31.26 -17.15
CA GLN C 198 -9.48 32.44 -16.80
C GLN C 198 -8.29 32.62 -17.74
N GLY C 199 -7.69 31.53 -18.18
CA GLY C 199 -6.57 31.60 -19.09
C GLY C 199 -6.92 31.82 -20.55
N LEU C 200 -8.19 31.98 -20.88
CA LEU C 200 -8.65 32.18 -22.25
C LEU C 200 -9.23 33.58 -22.36
N SER C 201 -8.59 34.42 -23.18
CA SER C 201 -9.08 35.78 -23.39
C SER C 201 -10.42 35.82 -24.11
N SER C 202 -10.88 34.69 -24.65
CA SER C 202 -12.14 34.63 -25.37
C SER C 202 -12.65 33.20 -25.32
N PRO C 203 -13.96 32.98 -25.22
CA PRO C 203 -14.45 31.60 -25.12
C PRO C 203 -14.09 30.73 -26.32
N VAL C 204 -13.26 29.71 -26.09
CA VAL C 204 -12.86 28.80 -27.15
C VAL C 204 -14.01 27.85 -27.46
N THR C 205 -14.21 27.57 -28.74
CA THR C 205 -15.30 26.72 -29.21
C THR C 205 -14.73 25.64 -30.12
N LYS C 206 -15.03 24.37 -29.79
CA LYS C 206 -14.73 23.24 -30.67
C LYS C 206 -16.05 22.61 -31.10
N SER C 207 -16.15 22.26 -32.37
CA SER C 207 -17.42 21.78 -32.90
C SER C 207 -17.17 20.82 -34.07
N PHE C 208 -18.24 20.12 -34.45
CA PHE C 208 -18.23 19.25 -35.62
C PHE C 208 -19.65 19.20 -36.18
N ASN C 209 -19.74 18.79 -37.45
CA ASN C 209 -21.02 18.51 -38.09
C ASN C 209 -21.18 17.01 -38.23
N ARG C 210 -22.38 16.52 -37.91
CA ARG C 210 -22.67 15.10 -38.04
C ARG C 210 -22.49 14.67 -39.49
N GLY C 211 -21.65 13.67 -39.71
CA GLY C 211 -21.33 13.22 -41.04
C GLY C 211 -19.87 13.45 -41.36
#